data_2ADY
#
_entry.id   2ADY
#
_cell.length_a   91.997
_cell.length_b   67.903
_cell.length_c   74.989
_cell.angle_alpha   90.00
_cell.angle_beta   92.97
_cell.angle_gamma   90.00
#
_symmetry.space_group_name_H-M   'C 1 2 1'
#
loop_
_entity.id
_entity.type
_entity.pdbx_description
1 polymer "5'-D(*CP*GP*GP*AP*CP*AP*TP*GP*TP*CP*CP*G)-3'"
2 polymer 'Cellular tumor antigen p53'
3 non-polymer 'ZINC ION'
4 water water
#
loop_
_entity_poly.entity_id
_entity_poly.type
_entity_poly.pdbx_seq_one_letter_code
_entity_poly.pdbx_strand_id
1 'polydeoxyribonucleotide' (DC)(DG)(DG)(DA)(DC)(DA)(DT)(DG)(DT)(DC)(DC)(DG) E,F
2 'polypeptide(L)'
;SSSVPSQKTYQGSYGFRLGFLHSGTAKSVTCTYSPALNKMFCQLAKTCPVQLWVDSTPPPGTRVRAMAIYKQSQHMTEVV
RRCPHHERCSDSDGLAPPQHLIRVEGNLRVEYLDDRNTFRHSVVVPYEPPEVGSDCTTIHYNYMCNSSCMGGMNRRPILT
IITLEDSSGNLLGRNSFEVRVCACPGRDRRTEEENLRKKG
;
A,B
#
loop_
_chem_comp.id
_chem_comp.type
_chem_comp.name
_chem_comp.formula
DA DNA linking 2'-DEOXYADENOSINE-5'-MONOPHOSPHATE 'C10 H14 N5 O6 P'
DC DNA linking 2'-DEOXYCYTIDINE-5'-MONOPHOSPHATE 'C9 H14 N3 O7 P'
DG DNA linking 2'-DEOXYGUANOSINE-5'-MONOPHOSPHATE 'C10 H14 N5 O7 P'
DT DNA linking THYMIDINE-5'-MONOPHOSPHATE 'C10 H15 N2 O8 P'
ZN non-polymer 'ZINC ION' 'Zn 2'
#
# COMPACT_ATOMS: atom_id res chain seq x y z
N SER C 2 3.34 -22.86 -0.21
CA SER C 2 3.53 -23.70 -1.42
C SER C 2 4.95 -24.25 -1.46
N SER C 3 5.07 -25.50 -1.91
CA SER C 3 6.37 -26.13 -2.13
C SER C 3 7.26 -25.18 -2.94
N VAL C 4 8.48 -24.94 -2.42
CA VAL C 4 9.38 -23.91 -2.93
C VAL C 4 10.30 -24.45 -4.04
N PRO C 5 10.24 -23.86 -5.25
CA PRO C 5 11.02 -24.46 -6.32
C PRO C 5 12.48 -24.20 -6.04
N SER C 6 13.36 -25.07 -6.51
CA SER C 6 14.78 -24.84 -6.24
C SER C 6 15.30 -23.60 -6.98
N GLN C 7 16.41 -23.07 -6.52
CA GLN C 7 17.02 -21.91 -7.12
C GLN C 7 18.50 -22.18 -7.40
N LYS C 8 18.89 -23.42 -7.20
CA LYS C 8 20.27 -23.83 -7.24
C LYS C 8 20.85 -23.72 -8.65
N THR C 9 21.64 -22.67 -8.89
CA THR C 9 22.15 -22.37 -10.25
C THR C 9 22.66 -23.66 -10.89
N TYR C 10 22.25 -23.91 -12.12
CA TYR C 10 22.54 -25.14 -12.83
C TYR C 10 22.79 -24.74 -14.28
N GLN C 11 24.06 -24.49 -14.63
CA GLN C 11 24.43 -23.94 -15.95
C GLN C 11 24.01 -24.83 -17.12
N GLY C 12 24.08 -26.14 -16.87
CA GLY C 12 23.58 -27.16 -17.79
C GLY C 12 24.47 -27.53 -18.98
N SER C 13 23.87 -28.30 -19.90
CA SER C 13 24.52 -28.72 -21.14
C SER C 13 24.98 -27.56 -22.03
N TYR C 14 24.23 -26.47 -22.02
CA TYR C 14 24.49 -25.43 -23.02
C TYR C 14 25.27 -24.25 -22.47
N GLY C 15 25.82 -24.43 -21.26
CA GLY C 15 26.63 -23.39 -20.60
C GLY C 15 25.88 -22.07 -20.55
N PHE C 16 24.67 -22.14 -20.01
CA PHE C 16 23.73 -21.05 -19.92
C PHE C 16 24.03 -20.24 -18.67
N ARG C 17 24.44 -18.99 -18.88
CA ARG C 17 24.45 -18.03 -17.78
C ARG C 17 23.69 -16.77 -18.22
N LEU C 18 23.36 -15.92 -17.25
CA LEU C 18 22.71 -14.64 -17.50
C LEU C 18 23.69 -13.48 -17.69
N GLY C 19 23.36 -12.51 -18.52
CA GLY C 19 24.17 -11.32 -18.52
C GLY C 19 23.24 -10.17 -18.21
N PHE C 20 23.78 -9.02 -17.77
CA PHE C 20 22.93 -7.84 -17.59
C PHE C 20 23.64 -6.63 -18.10
N LEU C 21 22.90 -5.61 -18.53
CA LEU C 21 23.44 -4.30 -18.85
C LEU C 21 24.30 -3.65 -17.70
N HIS C 22 25.32 -2.90 -18.07
CA HIS C 22 26.19 -2.28 -17.11
C HIS C 22 25.83 -0.82 -17.24
N SER C 23 24.94 -0.38 -16.36
CA SER C 23 24.25 0.84 -16.56
C SER C 23 24.54 1.93 -15.52
N GLY C 24 25.45 1.67 -14.57
CA GLY C 24 25.85 2.72 -13.64
C GLY C 24 24.89 2.86 -12.46
N THR C 25 25.17 3.80 -11.55
CA THR C 25 24.31 3.98 -10.38
C THR C 25 23.76 5.39 -10.20
N ALA C 26 23.54 6.13 -11.29
CA ALA C 26 22.76 7.37 -11.24
C ALA C 26 21.43 7.12 -10.50
N LYS C 27 21.02 8.04 -9.65
CA LYS C 27 19.84 7.87 -8.82
C LYS C 27 18.68 7.13 -9.52
N SER C 28 18.24 7.66 -10.62
CA SER C 28 16.96 7.24 -11.18
C SER C 28 17.19 6.52 -12.51
N VAL C 29 18.24 5.72 -12.54
CA VAL C 29 18.49 4.85 -13.63
C VAL C 29 17.33 3.82 -13.61
N THR C 30 16.82 3.56 -14.81
CA THR C 30 15.68 2.72 -15.03
C THR C 30 15.91 1.31 -14.52
N CYS C 31 17.08 0.76 -14.78
CA CYS C 31 17.37 -0.59 -14.45
C CYS C 31 18.90 -0.62 -14.33
N THR C 32 19.41 -1.30 -13.30
CA THR C 32 20.84 -1.39 -13.09
C THR C 32 21.10 -2.69 -12.31
N TYR C 33 22.21 -3.35 -12.60
CA TYR C 33 22.52 -4.64 -12.03
C TYR C 33 23.80 -4.57 -11.21
N SER C 34 23.77 -5.11 -9.98
CA SER C 34 24.97 -5.20 -9.14
C SER C 34 25.66 -6.56 -9.26
N PRO C 35 26.86 -6.61 -9.90
CA PRO C 35 27.57 -7.92 -9.92
C PRO C 35 27.96 -8.39 -8.52
N ALA C 36 28.35 -7.45 -7.66
CA ALA C 36 28.80 -7.71 -6.28
C ALA C 36 27.73 -8.35 -5.47
N LEU C 37 26.48 -7.97 -5.78
CA LEU C 37 25.30 -8.43 -5.04
C LEU C 37 24.53 -9.41 -5.87
N ASN C 38 24.89 -9.57 -7.14
CA ASN C 38 24.03 -10.33 -8.06
C ASN C 38 22.59 -9.92 -7.93
N LYS C 39 22.33 -8.62 -8.07
CA LYS C 39 21.02 -8.07 -7.77
C LYS C 39 20.71 -6.92 -8.72
N MET C 40 19.55 -7.01 -9.35
CA MET C 40 19.03 -5.99 -10.25
C MET C 40 18.26 -5.02 -9.39
N PHE C 41 18.44 -3.73 -9.64
CA PHE C 41 17.64 -2.66 -9.00
C PHE C 41 16.91 -2.00 -10.15
N CYS C 42 15.60 -1.98 -10.10
CA CYS C 42 14.93 -1.44 -11.28
C CYS C 42 13.69 -0.72 -10.85
N GLN C 43 13.11 0.05 -11.77
CA GLN C 43 11.88 0.83 -11.49
C GLN C 43 10.61 0.11 -11.94
N LEU C 44 9.54 0.34 -11.19
CA LEU C 44 8.19 -0.17 -11.49
C LEU C 44 7.89 -0.05 -12.95
N ALA C 45 7.70 -1.21 -13.58
CA ALA C 45 7.20 -1.32 -14.96
C ALA C 45 8.16 -0.77 -16.02
N LYS C 46 9.41 -0.50 -15.68
CA LYS C 46 10.32 -0.11 -16.72
C LYS C 46 10.97 -1.36 -17.22
N THR C 47 11.63 -1.20 -18.35
CA THR C 47 12.27 -2.23 -19.15
C THR C 47 13.54 -2.67 -18.54
N CYS C 48 13.65 -3.98 -18.39
CA CYS C 48 14.73 -4.63 -17.63
C CYS C 48 15.29 -5.76 -18.47
N PRO C 49 16.31 -5.46 -19.26
CA PRO C 49 16.94 -6.38 -20.15
C PRO C 49 17.73 -7.38 -19.37
N VAL C 50 17.45 -8.67 -19.62
CA VAL C 50 18.22 -9.74 -19.10
C VAL C 50 18.75 -10.46 -20.35
N GLN C 51 20.08 -10.60 -20.42
CA GLN C 51 20.72 -11.35 -21.50
C GLN C 51 20.88 -12.84 -21.16
N LEU C 52 20.59 -13.66 -22.17
CA LEU C 52 20.79 -15.10 -22.13
C LEU C 52 22.10 -15.43 -22.84
N TRP C 53 23.03 -16.02 -22.10
CA TRP C 53 24.30 -16.49 -22.70
C TRP C 53 24.38 -18.00 -22.63
N VAL C 54 24.72 -18.53 -23.79
CA VAL C 54 24.74 -19.97 -24.02
C VAL C 54 26.03 -20.36 -24.79
N ASP C 55 26.53 -21.59 -24.58
CA ASP C 55 27.80 -22.01 -25.22
C ASP C 55 27.49 -22.51 -26.61
N SER C 56 26.55 -23.44 -26.65
CA SER C 56 26.12 -24.12 -27.88
C SER C 56 24.61 -23.93 -28.02
N THR C 57 24.14 -23.54 -29.22
CA THR C 57 22.73 -23.22 -29.42
C THR C 57 21.87 -24.42 -29.09
N PRO C 58 20.80 -24.23 -28.28
CA PRO C 58 20.01 -25.36 -27.84
C PRO C 58 18.93 -25.65 -28.87
N PRO C 59 18.18 -26.77 -28.70
CA PRO C 59 17.34 -27.33 -29.74
C PRO C 59 16.14 -26.42 -30.07
N PRO C 60 15.25 -26.86 -30.98
CA PRO C 60 14.14 -25.97 -31.26
C PRO C 60 13.05 -26.20 -30.24
N GLY C 61 12.10 -25.27 -30.13
CA GLY C 61 10.98 -25.39 -29.17
C GLY C 61 11.44 -25.27 -27.71
N THR C 62 12.66 -24.75 -27.54
CA THR C 62 13.22 -24.42 -26.24
C THR C 62 12.52 -23.19 -25.65
N ARG C 63 12.19 -23.24 -24.37
CA ARG C 63 11.47 -22.14 -23.75
C ARG C 63 12.24 -21.50 -22.60
N VAL C 64 11.89 -20.23 -22.27
CA VAL C 64 12.58 -19.47 -21.20
C VAL C 64 11.65 -18.97 -20.10
N ARG C 65 11.84 -19.47 -18.87
CA ARG C 65 10.87 -19.12 -17.82
C ARG C 65 11.41 -18.20 -16.72
N ALA C 66 10.56 -17.30 -16.23
CA ALA C 66 10.91 -16.44 -15.12
C ALA C 66 9.84 -16.57 -14.05
N MET C 67 10.27 -16.69 -12.79
CA MET C 67 9.40 -16.76 -11.63
C MET C 67 10.05 -16.06 -10.42
N ALA C 68 9.24 -15.40 -9.59
CA ALA C 68 9.78 -14.78 -8.37
C ALA C 68 9.49 -15.70 -7.22
N ILE C 69 10.42 -15.75 -6.26
CA ILE C 69 10.17 -16.42 -4.97
C ILE C 69 10.68 -15.46 -3.93
N TYR C 70 10.21 -15.55 -2.68
CA TYR C 70 10.83 -14.74 -1.64
C TYR C 70 12.20 -15.26 -1.33
N LYS C 71 13.16 -14.38 -1.11
CA LYS C 71 14.50 -14.85 -0.73
C LYS C 71 14.58 -15.33 0.73
N GLN C 72 14.03 -14.63 1.72
CA GLN C 72 14.16 -15.14 3.11
C GLN C 72 13.42 -16.51 3.22
N SER C 73 13.96 -17.46 4.00
CA SER C 73 13.33 -18.79 4.03
C SER C 73 12.06 -18.82 4.87
N GLN C 74 11.92 -17.86 5.78
CA GLN C 74 10.63 -17.65 6.44
C GLN C 74 9.48 -17.31 5.50
N HIS C 75 9.78 -16.71 4.35
CA HIS C 75 8.71 -16.27 3.46
C HIS C 75 8.69 -17.07 2.16
N MET C 76 9.60 -18.03 2.08
CA MET C 76 9.84 -18.76 0.85
C MET C 76 8.61 -19.47 0.22
N THR C 77 7.68 -19.91 1.07
CA THR C 77 6.52 -20.71 0.60
C THR C 77 5.38 -19.83 0.17
N GLU C 78 5.33 -18.60 0.67
CA GLU C 78 4.34 -17.63 0.14
C GLU C 78 4.53 -17.30 -1.36
N VAL C 79 3.42 -17.33 -2.10
CA VAL C 79 3.41 -17.01 -3.53
C VAL C 79 3.73 -15.53 -3.71
N VAL C 80 4.69 -15.20 -4.55
CA VAL C 80 4.97 -13.78 -4.81
C VAL C 80 3.86 -13.18 -5.70
N ARG C 81 3.19 -12.13 -5.23
CA ARG C 81 2.13 -11.54 -6.03
C ARG C 81 2.14 -10.02 -6.00
N ARG C 82 1.48 -9.40 -6.98
CA ARG C 82 1.24 -7.97 -6.95
C ARG C 82 0.36 -7.58 -5.75
N CYS C 83 0.43 -6.33 -5.28
CA CYS C 83 -0.34 -5.88 -4.14
C CYS C 83 -1.78 -5.62 -4.57
N PRO C 84 -2.67 -5.39 -3.61
CA PRO C 84 -4.05 -5.24 -4.05
C PRO C 84 -4.29 -3.94 -4.79
N HIS C 85 -3.59 -2.85 -4.45
CA HIS C 85 -3.74 -1.60 -5.20
C HIS C 85 -3.42 -1.81 -6.66
N HIS C 86 -2.19 -2.26 -6.95
CA HIS C 86 -1.72 -2.45 -8.31
C HIS C 86 -2.45 -3.51 -9.10
N GLU C 87 -2.85 -4.60 -8.44
CA GLU C 87 -3.74 -5.59 -9.08
C GLU C 87 -5.07 -5.03 -9.65
N ARG C 88 -5.49 -3.88 -9.14
CA ARG C 88 -6.76 -3.28 -9.48
C ARG C 88 -6.61 -1.96 -10.21
N CYS C 89 -5.42 -1.65 -10.73
CA CYS C 89 -5.26 -0.33 -11.36
CA CYS C 89 -5.17 -0.37 -11.39
C CYS C 89 -5.44 -0.45 -12.88
N SER C 90 -6.00 -1.57 -13.28
CA SER C 90 -6.13 -1.96 -14.67
C SER C 90 -5.00 -1.39 -15.50
N ASP C 91 -3.76 -1.85 -15.21
CA ASP C 91 -2.56 -1.52 -16.05
C ASP C 91 -2.06 -2.71 -16.92
N SER C 92 -2.93 -3.71 -17.07
CA SER C 92 -2.67 -4.81 -17.96
C SER C 92 -2.42 -4.31 -19.37
N ASP C 93 -1.61 -5.04 -20.12
CA ASP C 93 -1.40 -4.77 -21.52
C ASP C 93 -2.40 -5.52 -22.39
N GLY C 94 -3.29 -6.28 -21.75
CA GLY C 94 -4.25 -7.11 -22.47
C GLY C 94 -3.70 -8.51 -22.58
N LEU C 95 -2.39 -8.66 -22.40
CA LEU C 95 -1.77 -9.99 -22.44
C LEU C 95 -1.40 -10.54 -21.05
N ALA C 96 -0.92 -9.69 -20.16
CA ALA C 96 -0.59 -10.16 -18.79
C ALA C 96 -1.79 -10.21 -17.82
N PRO C 97 -1.89 -11.23 -16.95
CA PRO C 97 -2.89 -11.16 -15.91
C PRO C 97 -2.48 -10.05 -14.97
N PRO C 98 -3.47 -9.34 -14.42
CA PRO C 98 -3.10 -8.16 -13.62
C PRO C 98 -2.38 -8.48 -12.28
N GLN C 99 -2.41 -9.74 -11.86
CA GLN C 99 -1.83 -10.14 -10.57
C GLN C 99 -0.37 -10.54 -10.71
N HIS C 100 0.04 -10.82 -11.93
CA HIS C 100 1.41 -11.23 -12.20
C HIS C 100 2.42 -10.06 -12.11
N LEU C 101 3.40 -10.25 -11.22
CA LEU C 101 4.46 -9.31 -11.01
C LEU C 101 5.43 -9.19 -12.20
N ILE C 102 5.82 -10.34 -12.78
CA ILE C 102 6.77 -10.28 -13.88
C ILE C 102 6.04 -10.35 -15.22
N ARG C 103 6.40 -9.41 -16.12
CA ARG C 103 5.87 -9.36 -17.48
C ARG C 103 7.01 -9.50 -18.52
N VAL C 104 6.71 -10.00 -19.71
CA VAL C 104 7.64 -9.79 -20.81
C VAL C 104 6.98 -8.82 -21.80
N GLU C 105 7.76 -7.84 -22.27
CA GLU C 105 7.34 -6.93 -23.32
C GLU C 105 8.05 -7.26 -24.61
N GLY C 106 7.47 -6.83 -25.73
CA GLY C 106 8.15 -6.97 -27.01
C GLY C 106 7.98 -8.33 -27.64
N ASN C 107 7.40 -9.27 -26.91
CA ASN C 107 7.16 -10.62 -27.42
C ASN C 107 5.66 -10.99 -27.51
N LEU C 108 5.20 -11.20 -28.73
CA LEU C 108 3.81 -11.65 -28.98
C LEU C 108 3.56 -13.11 -28.56
N ARG C 109 4.61 -13.94 -28.52
CA ARG C 109 4.49 -15.35 -28.11
C ARG C 109 4.56 -15.57 -26.57
N VAL C 110 4.62 -14.48 -25.81
CA VAL C 110 4.65 -14.54 -24.35
C VAL C 110 3.46 -15.36 -23.78
N GLU C 111 3.74 -16.16 -22.77
CA GLU C 111 2.73 -16.99 -22.16
C GLU C 111 2.83 -16.83 -20.64
N TYR C 112 1.67 -16.67 -19.98
CA TYR C 112 1.62 -16.54 -18.52
C TYR C 112 1.00 -17.78 -17.91
N LEU C 113 1.59 -18.24 -16.79
CA LEU C 113 1.19 -19.49 -16.17
C LEU C 113 0.91 -19.32 -14.67
N ASP C 114 -0.17 -19.93 -14.20
CA ASP C 114 -0.44 -20.13 -12.77
C ASP C 114 -0.37 -21.59 -12.55
N ASP C 115 0.48 -22.02 -11.65
CA ASP C 115 0.65 -23.46 -11.47
C ASP C 115 -0.60 -24.02 -10.84
N ARG C 116 -1.11 -25.17 -11.30
CA ARG C 116 -2.29 -25.77 -10.64
C ARG C 116 -1.99 -26.34 -9.26
N ASN C 117 -0.74 -26.75 -9.04
CA ASN C 117 -0.21 -27.23 -7.75
C ASN C 117 0.30 -26.18 -6.77
N THR C 118 1.16 -25.27 -7.24
CA THR C 118 1.84 -24.36 -6.33
C THR C 118 1.19 -22.97 -6.32
N PHE C 119 0.40 -22.69 -7.35
CA PHE C 119 -0.31 -21.42 -7.48
C PHE C 119 0.61 -20.27 -7.88
N ARG C 120 1.83 -20.62 -8.27
CA ARG C 120 2.86 -19.64 -8.48
C ARG C 120 2.82 -19.18 -9.89
N HIS C 121 2.92 -17.88 -9.98
CA HIS C 121 2.94 -17.20 -11.25
C HIS C 121 4.29 -17.38 -11.86
N SER C 122 4.32 -17.52 -13.19
CA SER C 122 5.54 -17.50 -13.96
C SER C 122 5.16 -17.03 -15.34
N VAL C 123 6.18 -16.67 -16.14
CA VAL C 123 6.07 -16.19 -17.51
C VAL C 123 7.17 -16.77 -18.39
N VAL C 124 6.78 -17.24 -19.58
CA VAL C 124 7.62 -18.00 -20.54
C VAL C 124 7.52 -17.44 -21.94
N VAL C 125 8.66 -17.40 -22.64
CA VAL C 125 8.73 -17.08 -24.06
C VAL C 125 9.58 -18.14 -24.80
N PRO C 126 9.24 -18.46 -26.06
CA PRO C 126 10.17 -19.34 -26.83
C PRO C 126 11.58 -18.78 -26.85
N TYR C 127 12.58 -19.66 -26.71
CA TYR C 127 13.95 -19.23 -26.80
C TYR C 127 14.25 -18.91 -28.23
N GLU C 128 14.94 -17.80 -28.51
CA GLU C 128 15.54 -17.58 -29.85
C GLU C 128 17.07 -17.39 -29.92
N PRO C 129 17.73 -18.06 -30.89
CA PRO C 129 19.17 -17.87 -31.12
C PRO C 129 19.49 -16.39 -31.22
N PRO C 130 20.68 -16.00 -30.79
CA PRO C 130 21.11 -14.61 -30.86
C PRO C 130 21.03 -13.97 -32.24
N GLU C 131 20.71 -12.68 -32.24
CA GLU C 131 20.56 -11.84 -33.44
C GLU C 131 21.80 -11.76 -34.34
N VAL C 132 21.62 -11.07 -35.47
CA VAL C 132 22.71 -10.68 -36.42
C VAL C 132 23.97 -10.22 -35.67
N GLY C 133 24.94 -11.13 -35.53
CA GLY C 133 26.20 -10.80 -34.86
C GLY C 133 26.20 -10.58 -33.34
N SER C 134 25.03 -10.66 -32.72
CA SER C 134 24.90 -10.54 -31.27
C SER C 134 25.57 -11.76 -30.58
N ASP C 135 25.94 -11.66 -29.32
CA ASP C 135 26.43 -12.85 -28.61
C ASP C 135 25.37 -13.50 -27.70
N CYS C 136 24.20 -12.88 -27.63
CA CYS C 136 23.20 -13.30 -26.69
C CYS C 136 21.81 -12.85 -27.10
N THR C 137 20.82 -13.42 -26.43
CA THR C 137 19.45 -13.11 -26.71
C THR C 137 19.04 -12.25 -25.61
N THR C 138 18.39 -11.15 -25.92
CA THR C 138 17.92 -10.33 -24.85
C THR C 138 16.42 -10.58 -24.61
N ILE C 139 16.04 -10.62 -23.35
CA ILE C 139 14.61 -10.58 -22.96
C ILE C 139 14.33 -9.37 -22.05
N HIS C 140 13.26 -8.66 -22.36
CA HIS C 140 12.94 -7.46 -21.64
C HIS C 140 11.83 -7.80 -20.72
N TYR C 141 12.05 -7.63 -19.41
CA TYR C 141 11.03 -7.93 -18.42
C TYR C 141 10.57 -6.63 -17.80
N ASN C 142 9.36 -6.62 -17.25
CA ASN C 142 8.87 -5.56 -16.34
C ASN C 142 8.49 -6.17 -14.96
N TYR C 143 8.74 -5.42 -13.89
CA TYR C 143 8.32 -5.72 -12.49
C TYR C 143 7.23 -4.73 -12.14
N MET C 144 6.05 -5.20 -11.78
CA MET C 144 4.92 -4.34 -11.83
C MET C 144 4.51 -3.84 -10.48
N CYS C 145 5.28 -4.15 -9.43
CA CYS C 145 5.06 -3.62 -8.06
C CYS C 145 6.45 -3.27 -7.55
N ASN C 146 6.57 -2.25 -6.69
CA ASN C 146 7.81 -2.02 -5.93
C ASN C 146 8.03 -3.12 -4.90
N SER C 147 9.29 -3.44 -4.57
CA SER C 147 9.59 -4.33 -3.43
C SER C 147 8.85 -3.86 -2.16
N SER C 148 8.74 -2.55 -2.01
CA SER C 148 8.05 -1.98 -0.89
C SER C 148 6.50 -2.00 -0.94
N CYS C 149 5.87 -2.58 -1.97
CA CYS C 149 4.39 -2.53 -2.01
C CYS C 149 3.73 -3.17 -0.82
N MET C 150 2.98 -2.34 -0.09
CA MET C 150 2.18 -2.79 1.05
C MET C 150 1.10 -3.78 0.61
N GLY C 151 1.05 -4.93 1.28
CA GLY C 151 0.06 -5.96 0.95
C GLY C 151 0.54 -6.86 -0.18
N GLY C 152 1.57 -6.40 -0.92
CA GLY C 152 2.33 -7.22 -1.86
C GLY C 152 3.63 -7.70 -1.25
N MET C 153 4.76 -7.37 -1.86
CA MET C 153 6.06 -7.90 -1.41
C MET C 153 6.41 -7.34 -0.04
N ASN C 154 5.96 -6.12 0.19
CA ASN C 154 5.99 -5.63 1.51
C ASN C 154 7.41 -5.51 2.10
N ARG C 155 8.39 -5.17 1.23
CA ARG C 155 9.80 -4.88 1.62
C ARG C 155 10.68 -6.16 1.69
N ARG C 156 10.06 -7.29 1.38
CA ARG C 156 10.74 -8.57 1.42
C ARG C 156 11.49 -8.72 0.13
N PRO C 157 12.80 -9.05 0.20
CA PRO C 157 13.52 -9.22 -1.05
C PRO C 157 13.02 -10.46 -1.77
N ILE C 158 13.26 -10.49 -3.06
CA ILE C 158 12.84 -11.57 -3.91
C ILE C 158 14.00 -11.95 -4.80
N LEU C 159 13.90 -13.14 -5.38
CA LEU C 159 14.82 -13.64 -6.40
C LEU C 159 14.04 -13.84 -7.71
N THR C 160 14.70 -13.69 -8.86
CA THR C 160 14.06 -14.08 -10.12
C THR C 160 14.76 -15.34 -10.61
N ILE C 161 13.98 -16.38 -10.86
CA ILE C 161 14.55 -17.67 -11.23
C ILE C 161 14.29 -17.79 -12.69
N ILE C 162 15.37 -17.78 -13.47
CA ILE C 162 15.26 -17.96 -14.89
C ILE C 162 15.62 -19.39 -15.24
N THR C 163 14.68 -20.10 -15.90
CA THR C 163 14.90 -21.49 -16.30
C THR C 163 14.87 -21.60 -17.82
N LEU C 164 15.92 -22.24 -18.37
CA LEU C 164 15.91 -22.78 -19.74
C LEU C 164 15.26 -24.19 -19.73
N GLU C 165 14.27 -24.39 -20.57
CA GLU C 165 13.56 -25.68 -20.59
C GLU C 165 13.21 -26.06 -22.03
N ASP C 166 12.91 -27.35 -22.23
CA ASP C 166 12.47 -27.88 -23.53
C ASP C 166 10.99 -27.57 -23.77
N SER C 167 10.43 -28.11 -24.86
CA SER C 167 8.99 -28.00 -25.14
C SER C 167 8.13 -28.68 -24.06
N SER C 168 8.74 -29.63 -23.35
CA SER C 168 8.02 -30.56 -22.48
C SER C 168 7.75 -29.98 -21.10
N GLY C 169 8.78 -29.35 -20.53
CA GLY C 169 8.82 -28.93 -19.12
C GLY C 169 10.15 -29.19 -18.38
N ASN C 170 11.08 -29.91 -19.01
CA ASN C 170 12.33 -30.33 -18.36
C ASN C 170 13.42 -29.28 -18.36
N LEU C 171 14.08 -29.17 -17.20
CA LEU C 171 15.21 -28.27 -17.01
C LEU C 171 16.44 -28.54 -17.86
N LEU C 172 16.81 -27.52 -18.63
CA LEU C 172 18.01 -27.53 -19.43
C LEU C 172 19.07 -26.60 -18.84
N GLY C 173 18.66 -25.79 -17.85
CA GLY C 173 19.43 -24.62 -17.41
C GLY C 173 18.69 -23.79 -16.39
N ARG C 174 19.40 -23.37 -15.35
CA ARG C 174 18.85 -22.51 -14.30
C ARG C 174 19.80 -21.48 -13.68
N ASN C 175 19.30 -20.25 -13.60
CA ASN C 175 19.96 -19.12 -12.97
C ASN C 175 18.99 -18.26 -12.21
N SER C 176 19.51 -17.32 -11.44
CA SER C 176 18.69 -16.50 -10.61
C SER C 176 19.46 -15.26 -10.17
N PHE C 177 18.72 -14.22 -9.80
CA PHE C 177 19.26 -13.03 -9.21
C PHE C 177 18.25 -12.39 -8.31
N GLU C 178 18.75 -11.58 -7.40
CA GLU C 178 17.87 -10.82 -6.56
C GLU C 178 17.29 -9.59 -7.33
N VAL C 179 16.09 -9.19 -6.94
CA VAL C 179 15.55 -7.98 -7.52
C VAL C 179 15.17 -7.02 -6.39
N ARG C 180 15.47 -5.75 -6.57
CA ARG C 180 14.76 -4.72 -5.83
C ARG C 180 14.06 -3.85 -6.86
N VAL C 181 12.74 -3.66 -6.71
CA VAL C 181 11.99 -2.72 -7.52
C VAL C 181 11.74 -1.55 -6.61
N CYS C 182 12.12 -0.36 -7.06
CA CYS C 182 12.20 0.80 -6.14
C CYS C 182 12.21 2.11 -6.89
N ALA C 183 12.11 3.24 -6.24
CA ALA C 183 12.01 4.51 -6.97
C ALA C 183 13.35 5.00 -7.49
N CYS C 184 14.42 4.68 -6.77
CA CYS C 184 15.79 5.11 -7.16
C CYS C 184 16.81 3.95 -7.24
N PRO C 185 16.73 3.14 -8.30
CA PRO C 185 17.64 2.03 -8.47
C PRO C 185 19.12 2.35 -8.26
N GLY C 186 19.58 3.50 -8.73
CA GLY C 186 21.01 3.84 -8.64
C GLY C 186 21.38 4.22 -7.21
N ARG C 187 20.49 4.98 -6.56
CA ARG C 187 20.75 5.38 -5.19
C ARG C 187 20.90 4.14 -4.32
N ASP C 188 19.88 3.30 -4.41
CA ASP C 188 19.84 2.08 -3.68
C ASP C 188 20.97 1.06 -3.98
N ARG C 189 21.47 1.05 -5.22
CA ARG C 189 22.56 0.13 -5.56
C ARG C 189 23.78 0.57 -4.77
N ARG C 190 24.00 1.87 -4.78
CA ARG C 190 25.15 2.53 -4.18
C ARG C 190 25.11 2.30 -2.66
N THR C 191 23.97 2.53 -2.04
CA THR C 191 23.86 2.34 -0.59
C THR C 191 24.14 0.88 -0.19
N GLU C 192 23.52 -0.06 -0.89
CA GLU C 192 23.67 -1.41 -0.52
C GLU C 192 25.08 -1.93 -0.78
N GLU C 193 25.75 -1.40 -1.78
CA GLU C 193 27.13 -1.81 -2.03
C GLU C 193 28.07 -1.14 -0.98
N GLU C 194 27.93 0.17 -0.76
CA GLU C 194 28.65 0.82 0.33
C GLU C 194 28.56 -0.01 1.60
N ASN C 195 27.42 -0.63 1.86
CA ASN C 195 27.15 -1.37 3.10
C ASN C 195 27.72 -2.81 3.15
N LEU C 196 28.39 -3.20 2.06
CA LEU C 196 29.22 -4.39 2.02
C LEU C 196 30.52 -4.19 2.81
N ARG C 197 31.05 -2.98 2.68
CA ARG C 197 32.32 -2.57 3.26
C ARG C 197 32.26 -2.39 4.80
N LYS C 198 33.32 -2.76 5.52
CA LYS C 198 33.41 -2.58 7.00
C LYS C 198 33.98 -1.18 7.35
N LYS C 199 33.84 -0.21 6.44
N SER D 1 -17.93 11.63 -8.31
CA SER D 1 -17.72 12.68 -7.29
C SER D 1 -18.99 12.88 -6.49
N SER D 2 -18.91 13.46 -5.30
CA SER D 2 -20.06 13.60 -4.42
C SER D 2 -20.01 14.93 -3.79
N SER D 3 -21.19 15.44 -3.44
CA SER D 3 -21.32 16.77 -2.86
C SER D 3 -20.66 16.81 -1.47
N VAL D 4 -20.40 18.01 -0.98
CA VAL D 4 -19.57 18.17 0.19
C VAL D 4 -20.42 18.67 1.38
N PRO D 5 -20.21 18.10 2.59
CA PRO D 5 -20.93 18.59 3.76
C PRO D 5 -20.27 19.86 4.32
N SER D 6 -21.05 20.64 5.07
CA SER D 6 -20.53 21.80 5.75
C SER D 6 -19.53 21.33 6.78
N GLN D 7 -18.52 22.13 6.99
CA GLN D 7 -17.61 21.86 8.07
C GLN D 7 -17.75 22.93 9.17
N LYS D 8 -18.35 24.08 8.83
CA LYS D 8 -18.52 25.22 9.77
C LYS D 8 -18.95 24.85 11.18
N THR D 9 -18.32 25.49 12.14
CA THR D 9 -18.69 25.32 13.55
C THR D 9 -20.07 25.87 13.87
N TYR D 10 -20.93 24.97 14.34
CA TYR D 10 -22.25 25.32 14.81
C TYR D 10 -22.38 24.81 16.24
N GLN D 11 -22.05 25.69 17.19
CA GLN D 11 -22.13 25.35 18.62
C GLN D 11 -23.52 24.99 19.12
N GLY D 12 -24.55 25.48 18.43
CA GLY D 12 -25.92 25.02 18.66
C GLY D 12 -26.60 25.44 19.96
N SER D 13 -27.87 25.07 20.06
CA SER D 13 -28.64 25.45 21.23
C SER D 13 -27.93 25.03 22.53
N TYR D 14 -27.24 23.88 22.49
CA TYR D 14 -26.61 23.27 23.68
C TYR D 14 -25.11 23.51 23.87
N GLY D 15 -24.52 24.46 23.17
CA GLY D 15 -23.07 24.76 23.35
C GLY D 15 -22.11 23.60 23.06
N PHE D 16 -22.09 23.15 21.81
CA PHE D 16 -21.27 22.02 21.40
C PHE D 16 -19.83 22.43 21.02
N ARG D 17 -18.85 21.95 21.80
CA ARG D 17 -17.43 22.20 21.53
C ARG D 17 -16.79 20.85 21.51
N LEU D 18 -15.47 20.81 21.29
CA LEU D 18 -14.69 19.57 21.35
C LEU D 18 -13.50 19.68 22.29
N GLY D 19 -13.15 18.59 22.96
CA GLY D 19 -11.93 18.53 23.77
C GLY D 19 -10.92 17.44 23.45
N PHE D 20 -9.65 17.82 23.41
CA PHE D 20 -8.56 16.85 23.17
C PHE D 20 -7.52 17.02 24.27
N LEU D 21 -6.82 15.92 24.56
CA LEU D 21 -5.95 15.82 25.72
C LEU D 21 -4.53 16.28 25.45
N HIS D 22 -3.92 16.87 26.48
CA HIS D 22 -2.50 17.23 26.49
C HIS D 22 -1.79 15.91 26.20
N SER D 23 -0.86 15.89 25.24
CA SER D 23 -0.22 14.62 24.84
C SER D 23 1.28 14.66 24.51
N GLY D 24 1.78 15.85 24.21
CA GLY D 24 3.20 16.03 23.94
C GLY D 24 3.54 15.56 22.54
N THR D 25 4.82 15.66 22.22
CA THR D 25 5.25 15.35 20.87
C THR D 25 6.36 14.27 20.82
N ALA D 26 6.23 13.28 21.73
CA ALA D 26 7.15 12.15 21.77
C ALA D 26 7.00 11.37 20.48
N LYS D 27 7.74 11.75 19.43
CA LYS D 27 7.85 11.03 18.11
C LYS D 27 7.05 9.71 18.01
N SER D 28 6.96 8.99 19.13
CA SER D 28 6.21 7.74 19.32
C SER D 28 4.68 7.76 19.62
N VAL D 29 4.13 8.91 20.03
CA VAL D 29 2.78 9.00 20.67
C VAL D 29 1.69 8.25 19.92
N THR D 30 0.83 7.54 20.67
CA THR D 30 -0.41 6.96 20.14
C THR D 30 -1.34 7.98 19.47
N CYS D 31 -1.47 9.16 20.06
CA CYS D 31 -2.43 10.15 19.61
C CYS D 31 -2.13 11.51 20.27
N THR D 32 -2.08 12.59 19.49
CA THR D 32 -1.77 13.91 20.01
C THR D 32 -2.47 15.03 19.22
N TYR D 33 -2.90 16.08 19.92
CA TYR D 33 -3.62 17.20 19.30
C TYR D 33 -2.87 18.53 19.18
N SER D 34 -3.06 19.22 18.09
CA SER D 34 -2.44 20.52 17.96
C SER D 34 -3.50 21.61 18.08
N PRO D 35 -3.49 22.35 19.21
CA PRO D 35 -4.45 23.43 19.36
C PRO D 35 -4.20 24.50 18.32
N ALA D 36 -2.93 24.74 18.02
CA ALA D 36 -2.58 25.74 17.01
C ALA D 36 -3.17 25.35 15.65
N LEU D 37 -3.02 24.09 15.28
CA LEU D 37 -3.38 23.60 13.94
C LEU D 37 -4.84 23.13 13.84
N ASN D 38 -5.52 23.03 14.98
CA ASN D 38 -6.77 22.28 15.04
C ASN D 38 -6.72 20.92 14.30
N LYS D 39 -5.82 20.03 14.73
CA LYS D 39 -5.54 18.78 13.99
C LYS D 39 -5.05 17.70 14.93
N MET D 40 -5.57 16.50 14.77
CA MET D 40 -5.15 15.34 15.54
C MET D 40 -4.08 14.61 14.74
N PHE D 41 -2.96 14.27 15.39
CA PHE D 41 -1.96 13.37 14.81
C PHE D 41 -2.03 12.09 15.61
N CYS D 42 -2.54 11.04 15.00
CA CYS D 42 -2.72 9.79 15.67
C CYS D 42 -2.16 8.67 14.80
N GLN D 43 -2.26 7.44 15.29
CA GLN D 43 -1.71 6.27 14.61
C GLN D 43 -2.81 5.33 14.13
N LEU D 44 -2.40 4.41 13.27
CA LEU D 44 -3.36 3.55 12.63
C LEU D 44 -4.01 2.55 13.60
N ALA D 45 -5.33 2.65 13.72
CA ALA D 45 -6.08 1.79 14.59
C ALA D 45 -5.86 1.96 16.11
N LYS D 46 -5.12 2.99 16.52
CA LYS D 46 -4.94 3.28 17.95
C LYS D 46 -5.99 4.28 18.44
N THR D 47 -6.42 4.09 19.69
CA THR D 47 -7.51 4.86 20.34
C THR D 47 -7.25 6.38 20.36
N CYS D 48 -8.23 7.07 19.75
CA CYS D 48 -8.27 8.54 19.62
C CYS D 48 -9.45 9.05 20.40
N PRO D 49 -9.18 9.58 21.59
CA PRO D 49 -10.30 9.88 22.45
C PRO D 49 -10.74 11.29 22.15
N VAL D 50 -12.04 11.42 21.94
CA VAL D 50 -12.59 12.71 21.57
C VAL D 50 -13.55 13.15 22.68
N GLN D 51 -13.41 14.40 23.14
CA GLN D 51 -14.22 14.92 24.24
C GLN D 51 -15.43 15.67 23.71
N LEU D 52 -16.60 15.08 23.98
CA LEU D 52 -17.91 15.67 23.71
C LEU D 52 -18.35 16.64 24.84
N TRP D 53 -17.90 17.90 24.75
CA TRP D 53 -18.17 18.95 25.74
C TRP D 53 -19.45 19.73 25.47
N VAL D 54 -20.23 19.96 26.52
CA VAL D 54 -21.57 20.53 26.39
C VAL D 54 -21.91 21.59 27.48
N ASP D 55 -22.86 22.47 27.18
CA ASP D 55 -23.41 23.42 28.14
C ASP D 55 -24.60 22.80 28.85
N SER D 56 -25.46 22.12 28.09
CA SER D 56 -26.73 21.65 28.62
C SER D 56 -27.18 20.43 27.84
N THR D 57 -27.81 19.49 28.53
CA THR D 57 -28.19 18.15 28.03
C THR D 57 -29.25 17.98 26.88
N PRO D 58 -28.81 17.52 25.68
CA PRO D 58 -29.62 17.04 24.52
C PRO D 58 -30.71 15.98 24.78
N PRO D 59 -31.80 16.02 23.99
CA PRO D 59 -32.89 15.07 24.20
C PRO D 59 -32.43 13.63 24.13
N PRO D 60 -32.49 12.89 25.26
CA PRO D 60 -32.50 11.45 25.02
C PRO D 60 -33.08 11.08 23.63
N GLY D 61 -32.32 10.26 22.90
CA GLY D 61 -32.57 9.91 21.49
C GLY D 61 -31.48 10.41 20.53
N THR D 62 -30.75 11.41 21.01
CA THR D 62 -29.77 12.10 20.22
C THR D 62 -28.62 11.18 19.81
N ARG D 63 -28.26 11.22 18.52
CA ARG D 63 -27.14 10.46 17.95
C ARG D 63 -25.89 11.32 17.65
N VAL D 64 -24.73 10.67 17.48
CA VAL D 64 -23.46 11.39 17.32
C VAL D 64 -22.68 10.82 16.14
N ARG D 65 -22.61 11.61 15.06
CA ARG D 65 -21.99 11.19 13.82
C ARG D 65 -20.51 11.61 13.62
N ALA D 66 -19.76 10.76 12.91
CA ALA D 66 -18.41 11.07 12.47
C ALA D 66 -18.33 10.74 10.97
N MET D 67 -17.62 11.58 10.23
CA MET D 67 -17.49 11.44 8.75
C MET D 67 -16.26 12.19 8.33
N ALA D 68 -15.41 11.53 7.59
CA ALA D 68 -14.19 12.15 7.15
C ALA D 68 -14.43 12.71 5.74
N ILE D 69 -13.81 13.85 5.43
CA ILE D 69 -13.81 14.39 4.07
C ILE D 69 -12.39 14.77 3.76
N TYR D 70 -12.00 14.87 2.50
CA TYR D 70 -10.69 15.43 2.24
C TYR D 70 -10.70 16.93 2.50
N LYS D 71 -9.57 17.48 2.91
CA LYS D 71 -9.53 18.87 3.27
C LYS D 71 -9.44 19.78 2.07
N GLN D 72 -8.55 19.46 1.15
CA GLN D 72 -8.33 20.32 0.01
C GLN D 72 -9.56 20.27 -0.89
N SER D 73 -9.98 21.41 -1.41
CA SER D 73 -11.16 21.46 -2.28
C SER D 73 -11.07 20.65 -3.56
N GLN D 74 -9.85 20.34 -4.00
CA GLN D 74 -9.66 19.51 -5.21
C GLN D 74 -9.92 18.01 -4.97
N HIS D 75 -10.06 17.65 -3.70
CA HIS D 75 -10.41 16.28 -3.36
C HIS D 75 -11.68 16.20 -2.55
N MET D 76 -12.22 17.34 -2.14
CA MET D 76 -13.41 17.31 -1.26
C MET D 76 -14.58 16.53 -1.85
N THR D 77 -14.74 16.58 -3.18
CA THR D 77 -15.82 15.81 -3.84
C THR D 77 -15.50 14.31 -3.98
N GLU D 78 -14.32 13.87 -3.58
CA GLU D 78 -14.06 12.44 -3.59
C GLU D 78 -14.33 11.79 -2.23
N VAL D 79 -15.03 10.66 -2.26
CA VAL D 79 -15.37 9.92 -1.02
C VAL D 79 -14.12 9.42 -0.33
N VAL D 80 -14.02 9.66 0.97
CA VAL D 80 -12.94 9.15 1.78
C VAL D 80 -13.24 7.71 2.09
N ARG D 81 -12.29 6.83 1.79
CA ARG D 81 -12.50 5.43 1.98
C ARG D 81 -11.15 4.73 2.17
N ARG D 82 -11.17 3.44 2.53
CA ARG D 82 -9.93 2.69 2.84
C ARG D 82 -9.21 2.20 1.59
N CYS D 83 -7.89 2.15 1.66
CA CYS D 83 -7.06 1.59 0.61
C CYS D 83 -7.37 0.11 0.39
N PRO D 84 -7.15 -0.36 -0.85
CA PRO D 84 -7.50 -1.69 -1.30
C PRO D 84 -6.94 -2.75 -0.41
N HIS D 85 -5.76 -2.44 0.12
CA HIS D 85 -5.12 -3.38 0.98
C HIS D 85 -5.80 -3.55 2.37
N HIS D 86 -6.06 -2.45 3.10
CA HIS D 86 -6.64 -2.60 4.44
C HIS D 86 -8.06 -2.99 4.26
N GLU D 87 -8.65 -2.50 3.19
CA GLU D 87 -9.99 -2.93 2.94
C GLU D 87 -10.04 -4.45 2.94
N ARG D 88 -8.96 -5.10 2.51
CA ARG D 88 -8.94 -6.58 2.35
C ARG D 88 -8.25 -7.37 3.45
N CYS D 89 -7.80 -6.72 4.51
CA CYS D 89 -6.99 -7.44 5.46
C CYS D 89 -7.73 -8.07 6.64
N SER D 90 -9.05 -8.16 6.54
CA SER D 90 -9.81 -8.98 7.51
C SER D 90 -9.67 -8.46 8.92
N ASP D 91 -9.65 -7.14 9.04
CA ASP D 91 -9.46 -6.53 10.36
C ASP D 91 -10.75 -6.03 10.98
N SER D 92 -11.87 -6.41 10.38
CA SER D 92 -13.20 -6.07 10.91
C SER D 92 -13.47 -6.67 12.29
N ASP D 93 -14.09 -5.85 13.15
CA ASP D 93 -14.48 -6.28 14.51
C ASP D 93 -15.89 -6.89 14.54
N GLY D 94 -16.40 -7.25 13.36
CA GLY D 94 -17.70 -7.85 13.22
C GLY D 94 -18.79 -6.81 13.18
N LEU D 95 -18.40 -5.54 13.38
CA LEU D 95 -19.32 -4.38 13.25
C LEU D 95 -19.04 -3.44 12.08
N ALA D 96 -17.80 -2.96 12.03
CA ALA D 96 -17.40 -1.99 11.03
C ALA D 96 -17.21 -2.68 9.69
N PRO D 97 -17.85 -2.17 8.61
CA PRO D 97 -17.57 -2.65 7.27
C PRO D 97 -16.11 -2.40 6.91
N PRO D 98 -15.50 -3.36 6.20
CA PRO D 98 -14.05 -3.33 5.94
C PRO D 98 -13.57 -2.07 5.17
N GLN D 99 -14.48 -1.43 4.46
CA GLN D 99 -14.15 -0.20 3.73
C GLN D 99 -14.07 1.10 4.53
N HIS D 100 -14.61 1.14 5.76
CA HIS D 100 -14.77 2.41 6.54
C HIS D 100 -13.53 2.89 7.28
N LEU D 101 -13.22 4.16 7.11
CA LEU D 101 -11.97 4.69 7.63
C LEU D 101 -12.08 4.85 9.12
N ILE D 102 -13.24 5.34 9.58
CA ILE D 102 -13.51 5.62 11.00
C ILE D 102 -14.33 4.54 11.70
N ARG D 103 -13.78 4.07 12.82
CA ARG D 103 -14.49 3.15 13.70
C ARG D 103 -14.69 3.71 15.14
N VAL D 104 -15.84 3.38 15.75
CA VAL D 104 -15.98 3.62 17.20
C VAL D 104 -15.67 2.35 17.97
N GLU D 105 -14.76 2.51 18.91
CA GLU D 105 -14.18 1.43 19.71
C GLU D 105 -15.03 1.27 20.96
N GLY D 106 -15.22 0.02 21.42
CA GLY D 106 -15.97 -0.28 22.65
C GLY D 106 -17.38 0.27 22.87
N ASN D 107 -18.31 -0.03 21.96
CA ASN D 107 -19.71 0.39 22.09
C ASN D 107 -20.57 -0.44 21.13
N LEU D 108 -21.57 -1.07 21.70
CA LEU D 108 -22.36 -2.06 21.01
C LEU D 108 -23.39 -1.43 20.14
N ARG D 109 -23.78 -0.18 20.44
CA ARG D 109 -24.89 0.44 19.73
C ARG D 109 -24.42 1.26 18.51
N VAL D 110 -23.18 1.02 18.08
CA VAL D 110 -22.55 1.70 16.92
C VAL D 110 -23.25 1.40 15.60
N GLU D 111 -23.58 2.43 14.83
CA GLU D 111 -24.05 2.19 13.46
C GLU D 111 -23.08 2.75 12.43
N TYR D 112 -22.87 1.98 11.37
CA TYR D 112 -22.03 2.37 10.27
C TYR D 112 -22.96 2.58 9.11
N LEU D 113 -22.86 3.75 8.52
CA LEU D 113 -23.78 4.12 7.47
C LEU D 113 -23.03 4.46 6.19
N ASP D 114 -23.59 4.03 5.08
CA ASP D 114 -23.15 4.43 3.75
C ASP D 114 -24.22 5.33 3.23
N ASP D 115 -23.88 6.58 2.95
CA ASP D 115 -24.93 7.51 2.58
C ASP D 115 -25.61 7.11 1.28
N ARG D 116 -26.91 7.35 1.26
CA ARG D 116 -27.83 6.90 0.21
C ARG D 116 -27.54 7.58 -1.15
N ASN D 117 -27.33 8.90 -1.11
CA ASN D 117 -26.92 9.65 -2.30
C ASN D 117 -25.41 9.77 -2.48
N THR D 118 -24.78 10.52 -1.57
CA THR D 118 -23.37 10.86 -1.68
C THR D 118 -22.41 9.68 -1.66
N PHE D 119 -22.87 8.55 -1.10
CA PHE D 119 -22.08 7.32 -0.91
C PHE D 119 -21.02 7.41 0.20
N ARG D 120 -21.06 8.47 1.00
CA ARG D 120 -20.04 8.63 2.03
C ARG D 120 -20.34 7.76 3.22
N HIS D 121 -19.24 7.39 3.88
CA HIS D 121 -19.25 6.56 5.10
C HIS D 121 -19.36 7.42 6.32
N SER D 122 -20.06 6.89 7.32
CA SER D 122 -20.00 7.46 8.66
C SER D 122 -20.33 6.38 9.68
N VAL D 123 -20.05 6.71 10.94
CA VAL D 123 -20.31 5.89 12.09
C VAL D 123 -21.06 6.77 13.11
N VAL D 124 -22.18 6.27 13.61
CA VAL D 124 -22.93 6.99 14.63
C VAL D 124 -23.07 6.19 15.93
N VAL D 125 -22.96 6.90 17.06
CA VAL D 125 -23.36 6.34 18.39
C VAL D 125 -24.31 7.26 19.18
N PRO D 126 -25.28 6.65 19.93
CA PRO D 126 -26.29 7.42 20.66
C PRO D 126 -25.56 8.32 21.62
N TYR D 127 -26.14 9.49 21.89
CA TYR D 127 -25.57 10.33 22.95
C TYR D 127 -25.86 9.71 24.32
N GLU D 128 -24.93 9.95 25.24
CA GLU D 128 -25.00 9.49 26.60
C GLU D 128 -24.34 10.59 27.44
N PRO D 129 -25.08 11.13 28.40
CA PRO D 129 -24.63 12.26 29.22
C PRO D 129 -23.28 12.04 29.89
N PRO D 130 -22.61 13.13 30.28
CA PRO D 130 -21.31 12.90 30.85
C PRO D 130 -21.32 11.91 32.02
N GLU D 131 -20.14 11.77 32.63
CA GLU D 131 -19.86 10.75 33.63
C GLU D 131 -20.55 11.03 34.96
N VAL D 132 -20.45 10.04 35.85
CA VAL D 132 -20.72 10.23 37.27
C VAL D 132 -19.82 11.42 37.73
N GLY D 133 -18.50 11.26 37.62
CA GLY D 133 -17.58 12.34 38.00
C GLY D 133 -16.80 12.91 36.83
N SER D 134 -17.53 13.45 35.85
CA SER D 134 -16.91 14.09 34.67
C SER D 134 -17.88 15.00 33.90
N ASP D 135 -17.33 16.06 33.32
CA ASP D 135 -18.17 17.09 32.72
C ASP D 135 -18.36 16.91 31.21
N CYS D 136 -17.82 15.82 30.66
CA CYS D 136 -18.06 15.49 29.26
C CYS D 136 -18.00 13.98 28.96
N THR D 137 -18.79 13.55 27.97
CA THR D 137 -18.67 12.22 27.34
C THR D 137 -17.39 12.16 26.46
N THR D 138 -16.73 10.99 26.47
CA THR D 138 -15.56 10.73 25.63
C THR D 138 -15.83 9.56 24.66
N ILE D 139 -15.66 9.81 23.35
CA ILE D 139 -15.80 8.73 22.36
C ILE D 139 -14.45 8.20 21.96
N HIS D 140 -14.40 6.89 21.72
CA HIS D 140 -13.17 6.24 21.28
C HIS D 140 -13.23 5.90 19.79
N TYR D 141 -12.57 6.76 19.00
CA TYR D 141 -12.48 6.61 17.54
C TYR D 141 -11.12 6.04 17.16
N ASN D 142 -11.14 5.18 16.13
CA ASN D 142 -9.93 4.62 15.52
C ASN D 142 -9.88 4.93 14.03
N TYR D 143 -8.71 5.39 13.59
CA TYR D 143 -8.48 5.56 12.15
C TYR D 143 -7.83 4.35 11.50
N MET D 144 -8.54 3.75 10.53
CA MET D 144 -8.19 2.44 9.97
C MET D 144 -7.20 2.31 8.75
N CYS D 145 -6.63 3.45 8.30
CA CYS D 145 -5.61 3.57 7.25
C CYS D 145 -4.75 4.76 7.64
N ASN D 146 -3.49 4.75 7.28
CA ASN D 146 -2.67 5.96 7.33
C ASN D 146 -3.03 6.95 6.24
N SER D 147 -2.77 8.24 6.48
CA SER D 147 -3.11 9.23 5.47
C SER D 147 -2.35 8.94 4.20
N SER D 148 -1.25 8.21 4.33
CA SER D 148 -0.38 7.95 3.21
C SER D 148 -0.80 6.72 2.42
N CYS D 149 -1.77 5.95 2.91
CA CYS D 149 -2.12 4.68 2.22
C CYS D 149 -2.23 4.82 0.71
N MET D 150 -1.43 4.03 0.01
CA MET D 150 -1.53 3.94 -1.45
C MET D 150 -2.93 3.40 -1.88
N GLY D 151 -3.56 4.07 -2.83
CA GLY D 151 -4.90 3.74 -3.35
C GLY D 151 -6.03 4.09 -2.41
N GLY D 152 -5.69 4.70 -1.27
CA GLY D 152 -6.62 5.16 -0.29
C GLY D 152 -6.46 6.65 -0.20
N MET D 153 -6.14 7.16 0.98
CA MET D 153 -6.03 8.59 1.17
C MET D 153 -4.89 9.22 0.39
N ASN D 154 -3.81 8.45 0.23
CA ASN D 154 -2.73 8.79 -0.71
C ASN D 154 -2.04 10.07 -0.33
N ARG D 155 -1.71 10.22 0.95
CA ARG D 155 -0.99 11.39 1.47
C ARG D 155 -1.81 12.66 1.36
N ARG D 156 -3.13 12.53 1.26
CA ARG D 156 -4.00 13.69 1.19
C ARG D 156 -4.66 13.93 2.52
N PRO D 157 -4.62 15.17 3.04
CA PRO D 157 -5.17 15.47 4.40
C PRO D 157 -6.70 15.43 4.49
N ILE D 158 -7.21 14.91 5.62
CA ILE D 158 -8.64 14.90 5.95
C ILE D 158 -9.10 15.69 7.20
N LEU D 159 -10.39 15.99 7.17
CA LEU D 159 -11.13 16.48 8.28
C LEU D 159 -12.01 15.36 8.79
N THR D 160 -12.19 15.29 10.09
CA THR D 160 -13.30 14.60 10.68
C THR D 160 -14.37 15.64 11.04
N ILE D 161 -15.61 15.39 10.62
CA ILE D 161 -16.76 16.24 11.01
C ILE D 161 -17.66 15.44 11.99
N ILE D 162 -17.71 15.92 13.22
CA ILE D 162 -18.52 15.32 14.27
C ILE D 162 -19.76 16.12 14.40
N THR D 163 -20.91 15.49 14.19
CA THR D 163 -22.15 16.22 14.22
C THR D 163 -23.03 15.69 15.34
N LEU D 164 -23.80 16.60 15.95
CA LEU D 164 -24.85 16.24 16.92
C LEU D 164 -26.19 16.31 16.21
N GLU D 165 -26.97 15.24 16.27
CA GLU D 165 -28.25 15.21 15.64
C GLU D 165 -29.31 14.63 16.56
N ASP D 166 -30.57 14.98 16.31
CA ASP D 166 -31.68 14.19 16.80
C ASP D 166 -31.66 12.86 16.04
N SER D 167 -32.79 12.16 16.01
CA SER D 167 -32.87 10.78 15.52
C SER D 167 -33.46 10.75 14.13
N SER D 168 -33.53 11.91 13.50
CA SER D 168 -33.98 11.96 12.13
C SER D 168 -32.85 12.38 11.18
N GLY D 169 -31.62 12.39 11.68
CA GLY D 169 -30.47 12.91 10.94
C GLY D 169 -30.51 14.43 10.83
N ASN D 170 -31.20 15.11 11.76
CA ASN D 170 -31.35 16.57 11.79
C ASN D 170 -30.35 17.23 12.72
N LEU D 171 -29.67 18.27 12.24
CA LEU D 171 -28.57 18.96 13.01
C LEU D 171 -28.89 19.66 14.34
N LEU D 172 -27.95 19.60 15.28
CA LEU D 172 -28.07 20.21 16.61
C LEU D 172 -26.75 20.82 17.10
N GLY D 173 -25.63 20.29 16.55
CA GLY D 173 -24.28 20.79 16.79
C GLY D 173 -23.24 20.30 15.77
N ARG D 174 -22.27 21.14 15.44
CA ARG D 174 -21.23 20.70 14.53
C ARG D 174 -19.84 21.19 14.87
N ASN D 175 -18.89 20.29 14.76
CA ASN D 175 -17.54 20.64 14.98
C ASN D 175 -16.66 19.75 14.15
N SER D 176 -15.42 20.20 13.99
CA SER D 176 -14.58 19.61 12.96
C SER D 176 -13.13 19.80 13.35
N PHE D 177 -12.29 18.80 13.09
CA PHE D 177 -10.83 18.99 13.22
C PHE D 177 -10.07 18.23 12.15
N GLU D 178 -8.94 18.80 11.74
CA GLU D 178 -8.05 18.13 10.80
C GLU D 178 -7.49 16.85 11.39
N VAL D 179 -7.25 15.85 10.55
CA VAL D 179 -6.65 14.59 11.02
C VAL D 179 -5.49 14.14 10.15
N ARG D 180 -4.50 13.56 10.83
CA ARG D 180 -3.43 12.82 10.18
C ARG D 180 -3.16 11.52 10.93
N VAL D 181 -3.47 10.40 10.25
CA VAL D 181 -3.09 9.05 10.70
C VAL D 181 -1.70 8.87 10.16
N CYS D 182 -0.76 8.65 11.05
CA CYS D 182 0.64 8.46 10.60
C CYS D 182 1.43 7.57 11.53
N ALA D 183 2.65 7.24 11.12
CA ALA D 183 3.55 6.38 11.92
C ALA D 183 3.97 7.07 13.23
N CYS D 184 4.53 8.28 13.13
CA CYS D 184 5.06 9.04 14.27
C CYS D 184 4.26 10.34 14.56
N PRO D 185 3.09 10.20 15.22
CA PRO D 185 2.29 11.41 15.43
C PRO D 185 3.08 12.48 16.16
N GLY D 186 4.06 12.05 16.96
CA GLY D 186 4.93 12.98 17.69
C GLY D 186 5.72 13.88 16.76
N ARG D 187 6.50 13.25 15.88
CA ARG D 187 7.45 13.98 15.06
C ARG D 187 6.73 14.89 14.07
N ASP D 188 5.60 14.43 13.55
CA ASP D 188 4.93 15.18 12.49
C ASP D 188 4.24 16.42 13.07
N ARG D 189 3.71 16.28 14.29
CA ARG D 189 3.14 17.44 14.95
C ARG D 189 4.18 18.54 15.07
N ARG D 190 5.36 18.21 15.59
CA ARG D 190 6.34 19.27 15.78
C ARG D 190 6.63 19.88 14.45
N THR D 191 6.79 19.06 13.43
CA THR D 191 7.31 19.56 12.19
C THR D 191 6.32 20.49 11.55
N GLU D 192 5.03 20.19 11.68
CA GLU D 192 3.94 21.03 11.15
C GLU D 192 3.68 22.31 11.99
N GLU D 193 3.79 22.21 13.32
CA GLU D 193 3.74 23.39 14.21
C GLU D 193 4.95 24.26 13.94
N GLU D 194 6.14 23.68 13.96
CA GLU D 194 7.38 24.36 13.60
C GLU D 194 7.36 25.05 12.22
N ASN D 195 6.52 24.57 11.30
CA ASN D 195 6.38 25.20 10.00
C ASN D 195 5.49 26.43 10.03
N LEU D 196 4.70 26.57 11.11
CA LEU D 196 3.77 27.69 11.25
C LEU D 196 4.47 29.06 11.29
N ARG D 197 5.70 29.13 11.81
CA ARG D 197 6.51 30.35 11.65
C ARG D 197 7.17 30.34 10.26
N LYS D 198 6.53 30.99 9.28
CA LYS D 198 7.06 31.09 7.93
ZN ZN E . 2.14 -2.75 -5.85
ZN ZN F . -4.65 1.62 4.18
#